data_5WIN
#
_entry.id   5WIN
#
_cell.length_a   57.392
_cell.length_b   60.772
_cell.length_c   90.637
_cell.angle_alpha   90.00
_cell.angle_beta   90.00
_cell.angle_gamma   90.00
#
_symmetry.space_group_name_H-M   'P 21 21 21'
#
loop_
_entity.id
_entity.type
_entity.pdbx_description
1 polymer 'Tyrosine-protein kinase JAK2'
2 non-polymer 4-({5-amino-1-[(2,6-difluorophenyl)carbonyl]-1H-1,2,4-triazol-3-yl}amino)benzenesulfonamide
3 water water
#
_entity_poly.entity_id   1
_entity_poly.type   'polypeptide(L)'
_entity_poly.pdbx_seq_one_letter_code
;VFHKIRNEDLIFNESLGQGTFTKIFKGVRREVGDYGQLHETEVLLKVLDKAHRNYSESFFEAASMMSKLSHKHLVLNYGV
CVCGDENILVQEFVKFGSLDTYLKKNKNCINILWKLEVAKQLAAAMHFLEENTLIHGNVCAKNILLIREEDRKTGNPPFI
KLSDPGISITVLPKDILQERIPWVPPECIENPKNLNLATDKWSFGTTLWEICSGGDKPLSALDSQRKLQFYEDRHQLPAP
KAAELANLINNCMDYEPDHRPSFRAIIRDLNSLFTPD
;
_entity_poly.pdbx_strand_id   A
#
loop_
_chem_comp.id
_chem_comp.type
_chem_comp.name
_chem_comp.formula
SKE non-polymer 4-({5-amino-1-[(2,6-difluorophenyl)carbonyl]-1H-1,2,4-triazol-3-yl}amino)benzenesulfonamide 'C15 H12 F2 N6 O3 S'
#
# COMPACT_ATOMS: atom_id res chain seq x y z
N VAL A 1 -15.73 -16.82 -3.02
CA VAL A 1 -14.45 -16.47 -3.63
C VAL A 1 -13.30 -16.80 -2.68
N PHE A 2 -13.59 -16.84 -1.38
CA PHE A 2 -12.56 -16.90 -0.34
C PHE A 2 -12.53 -18.28 0.32
N HIS A 3 -11.35 -18.88 0.34
CA HIS A 3 -11.14 -20.15 1.04
C HIS A 3 -11.25 -19.92 2.55
N LYS A 4 -11.99 -20.80 3.22
CA LYS A 4 -12.29 -20.66 4.64
C LYS A 4 -11.30 -21.45 5.48
N ILE A 5 -10.82 -20.81 6.56
CA ILE A 5 -9.79 -21.38 7.42
C ILE A 5 -10.36 -21.49 8.83
N ARG A 6 -10.24 -22.67 9.43
CA ARG A 6 -10.73 -22.87 10.79
C ARG A 6 -9.91 -22.05 11.78
N ASN A 7 -10.55 -21.73 12.90
CA ASN A 7 -9.85 -21.00 13.96
C ASN A 7 -9.00 -21.92 14.83
N GLU A 8 -9.32 -23.22 14.88
CA GLU A 8 -8.39 -24.18 15.48
C GLU A 8 -7.03 -24.11 14.80
N ASP A 9 -7.01 -23.70 13.53
CA ASP A 9 -5.79 -23.65 12.75
C ASP A 9 -5.12 -22.27 12.75
N LEU A 10 -5.52 -21.38 13.66
CA LEU A 10 -4.97 -20.02 13.67
C LEU A 10 -4.76 -19.56 15.10
N ILE A 11 -3.50 -19.23 15.42
CA ILE A 11 -3.12 -18.69 16.72
C ILE A 11 -2.72 -17.23 16.53
N PHE A 12 -3.32 -16.35 17.31
CA PHE A 12 -2.99 -14.93 17.28
C PHE A 12 -1.84 -14.64 18.26
N ASN A 13 -0.84 -13.92 17.78
CA ASN A 13 0.28 -13.50 18.61
C ASN A 13 0.44 -11.98 18.59
N GLU A 14 1.64 -11.50 18.32
CA GLU A 14 1.94 -10.09 18.54
C GLU A 14 1.00 -9.19 17.74
N SER A 15 0.68 -8.04 18.33
CA SER A 15 0.03 -6.97 17.60
C SER A 15 1.05 -6.27 16.71
N LEU A 16 0.69 -6.06 15.45
CA LEU A 16 1.53 -5.30 14.52
C LEU A 16 0.97 -3.90 14.27
N GLY A 17 -0.04 -3.49 15.03
CA GLY A 17 -0.58 -2.16 14.94
C GLY A 17 -2.04 -2.17 14.50
N GLN A 18 -2.46 -1.09 13.88
CA GLN A 18 -3.85 -0.90 13.48
C GLN A 18 -3.91 -0.36 12.07
N GLY A 19 -4.84 -0.88 11.28
CA GLY A 19 -5.27 -0.23 10.06
C GLY A 19 -6.48 0.65 10.33
N THR A 20 -7.11 1.08 9.24
CA THR A 20 -8.31 1.90 9.33
C THR A 20 -9.47 1.00 9.73
N PHE A 21 -9.94 1.14 10.96
CA PHE A 21 -11.03 0.33 11.48
C PHE A 21 -10.64 -1.14 11.53
N THR A 22 -9.37 -1.41 11.79
CA THR A 22 -8.89 -2.79 11.84
C THR A 22 -7.80 -2.90 12.90
N LYS A 23 -7.62 -4.13 13.38
CA LYS A 23 -6.53 -4.51 14.26
C LYS A 23 -5.73 -5.62 13.60
N ILE A 24 -4.41 -5.49 13.64
CA ILE A 24 -3.51 -6.37 12.91
C ILE A 24 -2.63 -7.13 13.89
N PHE A 25 -2.42 -8.41 13.61
CA PHE A 25 -1.63 -9.29 14.45
C PHE A 25 -0.77 -10.21 13.60
N LYS A 26 0.44 -10.47 14.06
CA LYS A 26 1.17 -11.64 13.59
C LYS A 26 0.50 -12.88 14.15
N GLY A 27 0.44 -13.93 13.33
CA GLY A 27 -0.23 -15.14 13.71
C GLY A 27 0.49 -16.39 13.26
N VAL A 28 -0.13 -17.54 13.48
CA VAL A 28 0.44 -18.82 13.10
C VAL A 28 -0.67 -19.70 12.53
N ARG A 29 -0.43 -20.27 11.37
CA ARG A 29 -1.38 -21.16 10.72
C ARG A 29 -0.78 -22.57 10.67
N ARG A 30 -1.58 -23.55 11.06
CA ARG A 30 -1.23 -24.96 10.93
C ARG A 30 -2.00 -25.49 9.73
N GLU A 31 -1.28 -26.05 8.77
CA GLU A 31 -1.90 -26.43 7.51
C GLU A 31 -1.23 -27.67 6.94
N VAL A 32 -1.93 -28.32 6.02
CA VAL A 32 -1.36 -29.35 5.18
C VAL A 32 -0.90 -28.69 3.89
N GLY A 33 0.39 -28.71 3.63
CA GLY A 33 0.96 -28.11 2.44
C GLY A 33 1.14 -29.10 1.32
N ASP A 34 2.14 -28.85 0.49
CA ASP A 34 2.44 -29.77 -0.61
C ASP A 34 2.84 -31.13 -0.06
N TYR A 35 2.45 -32.17 -0.79
CA TYR A 35 2.84 -33.54 -0.45
C TYR A 35 2.27 -33.99 0.89
N GLY A 36 1.12 -33.42 1.26
CA GLY A 36 0.46 -33.79 2.50
C GLY A 36 1.27 -33.49 3.75
N GLN A 37 2.35 -32.73 3.62
CA GLN A 37 3.20 -32.47 4.76
C GLN A 37 2.61 -31.37 5.64
N LEU A 38 2.90 -31.44 6.93
CA LEU A 38 2.33 -30.52 7.90
C LEU A 38 3.22 -29.31 8.10
N HIS A 39 2.62 -28.13 8.06
CA HIS A 39 3.32 -26.86 8.15
C HIS A 39 2.71 -26.01 9.24
N GLU A 40 3.57 -25.33 10.00
CA GLU A 40 3.18 -24.23 10.86
C GLU A 40 3.66 -22.95 10.19
N THR A 41 2.72 -22.21 9.60
CA THR A 41 3.02 -21.07 8.75
C THR A 41 2.63 -19.78 9.46
N GLU A 42 3.59 -18.87 9.58
CA GLU A 42 3.30 -17.57 10.16
C GLU A 42 2.54 -16.73 9.14
N VAL A 43 1.45 -16.12 9.60
CA VAL A 43 0.53 -15.40 8.73
C VAL A 43 0.30 -14.01 9.30
N LEU A 44 -0.34 -13.16 8.51
CA LEU A 44 -0.84 -11.87 8.97
C LEU A 44 -2.33 -11.97 9.19
N LEU A 45 -2.78 -11.61 10.39
CA LEU A 45 -4.19 -11.62 10.75
C LEU A 45 -4.64 -10.18 10.96
N LYS A 46 -5.58 -9.73 10.16
CA LYS A 46 -6.14 -8.39 10.30
C LYS A 46 -7.63 -8.51 10.55
N VAL A 47 -8.09 -7.86 11.62
CA VAL A 47 -9.44 -8.01 12.13
C VAL A 47 -10.20 -6.71 11.93
N LEU A 48 -11.39 -6.80 11.33
CA LEU A 48 -12.27 -5.64 11.25
C LEU A 48 -12.72 -5.26 12.66
N ASP A 49 -12.45 -4.02 13.06
CA ASP A 49 -12.91 -3.53 14.35
C ASP A 49 -14.38 -3.87 14.55
N LYS A 50 -14.67 -4.57 15.66
CA LYS A 50 -16.04 -4.93 15.96
C LYS A 50 -16.95 -3.71 16.02
N ALA A 51 -16.41 -2.56 16.44
CA ALA A 51 -17.15 -1.32 16.46
C ALA A 51 -17.51 -0.81 15.06
N HIS A 52 -16.98 -1.43 14.01
CA HIS A 52 -17.15 -0.93 12.65
C HIS A 52 -17.49 -2.06 11.68
N ARG A 53 -18.41 -2.93 12.09
CA ARG A 53 -18.85 -4.03 11.24
C ARG A 53 -19.45 -3.49 9.94
N ASN A 54 -19.86 -2.21 9.97
CA ASN A 54 -20.45 -1.57 8.79
C ASN A 54 -19.70 -1.93 7.52
N TYR A 55 -18.39 -1.74 7.54
CA TYR A 55 -17.58 -1.73 6.33
C TYR A 55 -17.06 -3.11 5.95
N SER A 56 -17.59 -4.18 6.54
CA SER A 56 -17.11 -5.51 6.20
C SER A 56 -17.30 -5.81 4.73
N GLU A 57 -18.36 -5.26 4.12
CA GLU A 57 -18.60 -5.47 2.70
C GLU A 57 -17.44 -4.92 1.87
N SER A 58 -16.92 -3.75 2.25
CA SER A 58 -15.74 -3.19 1.59
C SER A 58 -14.48 -3.90 2.06
N PHE A 59 -14.32 -4.03 3.37
CA PHE A 59 -13.22 -4.76 4.00
C PHE A 59 -12.80 -5.98 3.20
N PHE A 60 -13.77 -6.82 2.83
CA PHE A 60 -13.44 -8.07 2.17
C PHE A 60 -13.26 -7.90 0.67
N GLU A 61 -14.06 -7.06 0.05
CA GLU A 61 -13.91 -6.82 -1.34
C GLU A 61 -12.56 -6.30 -1.69
N ALA A 62 -11.98 -5.46 -0.86
CA ALA A 62 -10.69 -4.95 -1.17
C ALA A 62 -9.75 -6.11 -1.24
N ALA A 63 -9.72 -6.99 -0.28
CA ALA A 63 -8.88 -8.17 -0.41
C ALA A 63 -9.23 -9.02 -1.60
N SER A 64 -10.50 -9.19 -1.92
CA SER A 64 -10.91 -9.92 -3.06
C SER A 64 -10.20 -9.46 -4.32
N MET A 65 -10.19 -8.17 -4.62
CA MET A 65 -9.51 -7.59 -5.77
C MET A 65 -8.10 -8.07 -5.86
N MET A 66 -7.34 -7.98 -4.81
CA MET A 66 -6.00 -8.51 -4.81
C MET A 66 -5.84 -10.03 -5.06
N SER A 67 -6.85 -10.86 -4.83
CA SER A 67 -6.77 -12.28 -5.00
C SER A 67 -7.28 -12.83 -6.28
N LYS A 68 -8.12 -12.11 -6.99
CA LYS A 68 -8.44 -12.57 -8.30
C LYS A 68 -7.24 -12.55 -9.29
N LEU A 69 -6.20 -11.74 -9.09
CA LEU A 69 -5.05 -11.68 -9.94
C LEU A 69 -3.85 -12.20 -9.23
N SER A 70 -2.81 -12.56 -9.92
CA SER A 70 -1.66 -13.10 -9.29
C SER A 70 -0.51 -12.39 -9.87
N HIS A 71 0.34 -11.83 -9.07
CA HIS A 71 1.51 -11.10 -9.52
C HIS A 71 2.57 -11.15 -8.44
N LYS A 72 3.83 -11.19 -8.87
CA LYS A 72 4.95 -11.32 -7.93
C LYS A 72 4.99 -10.16 -6.94
N HIS A 73 4.38 -9.02 -7.26
CA HIS A 73 4.46 -7.82 -6.45
C HIS A 73 3.19 -7.56 -5.66
N LEU A 74 2.28 -8.53 -5.58
CA LEU A 74 1.03 -8.39 -4.84
C LEU A 74 1.00 -9.39 -3.69
N VAL A 75 0.55 -8.93 -2.52
CA VAL A 75 0.53 -9.78 -1.34
C VAL A 75 -0.54 -10.85 -1.50
N LEU A 76 -0.24 -12.06 -1.02
CA LEU A 76 -1.17 -13.17 -1.13
C LEU A 76 -2.17 -13.14 0.02
N ASN A 77 -3.43 -13.44 -0.30
CA ASN A 77 -4.44 -13.72 0.70
C ASN A 77 -4.66 -15.23 0.78
N TYR A 78 -4.55 -15.77 2.00
CA TYR A 78 -4.76 -17.21 2.19
C TYR A 78 -6.23 -17.56 2.33
N GLY A 79 -7.03 -16.65 2.91
CA GLY A 79 -8.45 -16.89 3.05
C GLY A 79 -9.03 -16.06 4.18
N VAL A 80 -10.18 -16.49 4.66
CA VAL A 80 -10.90 -15.83 5.75
C VAL A 80 -11.06 -16.83 6.89
N CYS A 81 -10.97 -16.35 8.12
CA CYS A 81 -11.17 -17.20 9.28
C CYS A 81 -12.65 -17.37 9.58
N VAL A 82 -13.02 -18.59 9.97
CA VAL A 82 -14.41 -18.90 10.33
C VAL A 82 -14.57 -18.57 11.82
N CYS A 83 -15.17 -17.42 12.10
CA CYS A 83 -15.45 -16.99 13.46
C CYS A 83 -16.92 -16.75 13.72
N GLY A 84 -17.65 -16.22 12.75
CA GLY A 84 -19.03 -15.82 12.99
C GLY A 84 -19.13 -14.53 13.76
N ASP A 85 -18.43 -14.44 14.89
CA ASP A 85 -18.42 -13.21 15.65
C ASP A 85 -17.36 -12.22 15.17
N GLU A 86 -16.50 -12.60 14.22
CA GLU A 86 -15.40 -11.73 13.82
C GLU A 86 -15.13 -11.87 12.32
N ASN A 87 -14.63 -10.78 11.75
CA ASN A 87 -14.24 -10.70 10.35
C ASN A 87 -12.71 -10.63 10.30
N ILE A 88 -12.08 -11.70 9.84
CA ILE A 88 -10.63 -11.86 10.00
C ILE A 88 -10.04 -12.28 8.67
N LEU A 89 -9.07 -11.52 8.18
CA LEU A 89 -8.33 -11.84 6.98
C LEU A 89 -7.03 -12.57 7.32
N VAL A 90 -6.69 -13.56 6.52
CA VAL A 90 -5.48 -14.35 6.70
C VAL A 90 -4.62 -14.12 5.47
N GLN A 91 -3.50 -13.45 5.64
CA GLN A 91 -2.67 -13.08 4.54
C GLN A 91 -1.22 -13.35 4.70
N GLU A 92 -0.52 -13.30 3.60
CA GLU A 92 0.92 -13.50 3.64
C GLU A 92 1.55 -12.58 4.67
N PHE A 93 2.49 -13.11 5.44
CA PHE A 93 3.27 -12.32 6.39
C PHE A 93 4.60 -11.99 5.74
N VAL A 94 4.79 -10.72 5.40
CA VAL A 94 6.03 -10.26 4.80
C VAL A 94 7.04 -9.99 5.91
N LYS A 95 8.25 -10.56 5.76
CA LYS A 95 9.19 -10.64 6.87
C LYS A 95 9.52 -9.27 7.45
N PHE A 96 9.94 -8.33 6.60
CA PHE A 96 10.58 -7.11 7.06
C PHE A 96 9.62 -5.92 7.18
N GLY A 97 8.33 -6.11 6.90
CA GLY A 97 7.34 -5.11 7.23
C GLY A 97 7.28 -3.94 6.27
N SER A 98 6.66 -2.87 6.75
CA SER A 98 6.30 -1.74 5.90
C SER A 98 7.53 -0.99 5.42
N LEU A 99 7.37 -0.33 4.27
CA LEU A 99 8.47 0.43 3.68
C LEU A 99 8.73 1.72 4.45
N ASP A 100 7.68 2.37 4.93
CA ASP A 100 7.88 3.62 5.66
C ASP A 100 8.69 3.39 6.94
N THR A 101 8.41 2.30 7.64
CA THR A 101 9.24 1.92 8.79
C THR A 101 10.68 1.72 8.36
N TYR A 102 10.89 0.98 7.26
CA TYR A 102 12.25 0.66 6.83
C TYR A 102 13.00 1.92 6.42
N LEU A 103 12.34 2.83 5.69
CA LEU A 103 12.97 4.08 5.29
C LEU A 103 13.45 4.87 6.50
N LYS A 104 12.52 5.25 7.38
CA LYS A 104 12.87 5.95 8.61
C LYS A 104 14.03 5.25 9.33
N LYS A 105 13.88 3.96 9.60
CA LYS A 105 14.88 3.23 10.36
C LYS A 105 16.25 3.24 9.67
N ASN A 106 16.27 3.23 8.35
CA ASN A 106 17.51 3.14 7.57
C ASN A 106 17.70 4.38 6.70
N LYS A 107 17.46 5.56 7.29
CA LYS A 107 17.59 6.84 6.60
C LYS A 107 18.85 6.95 5.76
N ASN A 108 20.02 6.80 6.39
CA ASN A 108 21.28 7.09 5.70
C ASN A 108 21.78 5.91 4.87
N CYS A 109 21.30 4.69 5.13
CA CYS A 109 21.83 3.51 4.45
C CYS A 109 21.25 3.30 3.06
N ILE A 110 20.42 4.22 2.57
CA ILE A 110 19.75 4.06 1.28
C ILE A 110 20.32 5.12 0.33
N ASN A 111 20.93 4.65 -0.75
CA ASN A 111 21.41 5.54 -1.79
C ASN A 111 20.29 5.72 -2.82
N ILE A 112 20.61 6.31 -3.97
CA ILE A 112 19.56 6.55 -4.95
C ILE A 112 19.18 5.27 -5.67
N LEU A 113 20.13 4.34 -5.84
CA LEU A 113 19.82 3.09 -6.54
C LEU A 113 18.77 2.27 -5.79
N TRP A 114 18.86 2.23 -4.46
CA TRP A 114 17.88 1.51 -3.67
C TRP A 114 16.48 2.06 -3.92
N LYS A 115 16.32 3.38 -3.84
CA LYS A 115 15.01 3.98 -4.05
C LYS A 115 14.52 3.71 -5.46
N LEU A 116 15.43 3.73 -6.44
CA LEU A 116 15.04 3.55 -7.83
C LEU A 116 14.50 2.14 -8.06
N GLU A 117 15.22 1.12 -7.58
CA GLU A 117 14.75 -0.25 -7.75
C GLU A 117 13.38 -0.45 -7.12
N VAL A 118 13.16 0.14 -5.94
CA VAL A 118 11.86 0.01 -5.28
C VAL A 118 10.79 0.75 -6.06
N ALA A 119 11.10 1.97 -6.53
CA ALA A 119 10.15 2.71 -7.36
C ALA A 119 9.78 1.90 -8.60
N LYS A 120 10.77 1.28 -9.25
CA LYS A 120 10.49 0.49 -10.44
C LYS A 120 9.59 -0.70 -10.12
N GLN A 121 9.90 -1.41 -9.03
CA GLN A 121 9.08 -2.55 -8.65
C GLN A 121 7.64 -2.12 -8.35
N LEU A 122 7.47 -0.96 -7.72
CA LEU A 122 6.12 -0.46 -7.46
C LEU A 122 5.43 -0.06 -8.76
N ALA A 123 6.15 0.61 -9.66
CA ALA A 123 5.56 0.98 -10.94
C ALA A 123 5.16 -0.26 -11.74
N ALA A 124 5.98 -1.31 -11.69
CA ALA A 124 5.61 -2.55 -12.36
C ALA A 124 4.31 -3.09 -11.81
N ALA A 125 4.17 -3.08 -10.47
CA ALA A 125 2.93 -3.53 -9.86
C ALA A 125 1.76 -2.66 -10.29
N MET A 126 1.95 -1.34 -10.33
CA MET A 126 0.86 -0.45 -10.71
C MET A 126 0.52 -0.58 -12.19
N HIS A 127 1.54 -0.74 -13.03
CA HIS A 127 1.28 -0.99 -14.45
C HIS A 127 0.44 -2.25 -14.65
N PHE A 128 0.78 -3.32 -13.93
CA PHE A 128 0.01 -4.56 -14.02
C PHE A 128 -1.46 -4.31 -13.67
N LEU A 129 -1.69 -3.58 -12.58
CA LEU A 129 -3.06 -3.22 -12.22
C LEU A 129 -3.70 -2.36 -13.30
N GLU A 130 -2.92 -1.45 -13.90
CA GLU A 130 -3.46 -0.58 -14.93
C GLU A 130 -3.97 -1.41 -16.11
N GLU A 131 -3.19 -2.41 -16.54
CA GLU A 131 -3.62 -3.26 -17.64
C GLU A 131 -4.95 -3.98 -17.32
N ASN A 132 -5.21 -4.26 -16.05
CA ASN A 132 -6.43 -4.94 -15.65
C ASN A 132 -7.52 -3.98 -15.23
N THR A 133 -7.35 -2.67 -15.47
CA THR A 133 -8.27 -1.64 -15.00
C THR A 133 -8.73 -1.93 -13.57
N LEU A 134 -7.75 -2.17 -12.71
CA LEU A 134 -7.99 -2.49 -11.30
C LEU A 134 -7.51 -1.32 -10.46
N ILE A 135 -8.45 -0.58 -9.88
CA ILE A 135 -8.12 0.53 -9.00
C ILE A 135 -7.71 0.00 -7.64
N HIS A 136 -6.53 0.40 -7.17
CA HIS A 136 -6.11 0.04 -5.82
C HIS A 136 -6.75 0.98 -4.80
N GLY A 137 -6.36 2.26 -4.82
CA GLY A 137 -7.04 3.30 -4.06
C GLY A 137 -6.37 3.69 -2.76
N ASN A 138 -5.26 3.06 -2.38
CA ASN A 138 -4.61 3.34 -1.11
C ASN A 138 -3.12 3.07 -1.23
N VAL A 139 -2.49 3.58 -2.29
CA VAL A 139 -1.06 3.37 -2.50
C VAL A 139 -0.31 4.30 -1.54
N CYS A 140 0.56 3.72 -0.72
CA CYS A 140 1.39 4.48 0.20
C CYS A 140 2.49 3.58 0.73
N ALA A 141 3.55 4.21 1.27
CA ALA A 141 4.70 3.45 1.71
C ALA A 141 4.34 2.49 2.84
N LYS A 142 3.35 2.85 3.66
CA LYS A 142 2.89 1.94 4.71
C LYS A 142 2.39 0.64 4.11
N ASN A 143 1.75 0.71 2.94
CA ASN A 143 1.20 -0.48 2.30
C ASN A 143 2.19 -1.13 1.33
N ILE A 144 3.46 -0.71 1.35
CA ILE A 144 4.53 -1.39 0.63
C ILE A 144 5.27 -2.25 1.64
N LEU A 145 5.26 -3.57 1.42
CA LEU A 145 5.88 -4.51 2.33
C LEU A 145 7.16 -5.07 1.71
N LEU A 146 8.21 -5.13 2.52
CA LEU A 146 9.55 -5.50 2.06
C LEU A 146 9.75 -7.01 2.27
N ILE A 147 9.71 -7.76 1.17
CA ILE A 147 9.93 -9.21 1.24
C ILE A 147 11.35 -9.51 1.69
N ARG A 148 12.32 -8.85 1.07
CA ARG A 148 13.73 -9.12 1.32
C ARG A 148 14.51 -7.83 1.26
N GLU A 149 15.56 -7.74 2.04
CA GLU A 149 16.40 -6.60 2.06
C GLU A 149 17.40 -6.69 0.95
N GLU A 150 18.09 -5.62 0.65
CA GLU A 150 19.08 -5.68 -0.39
C GLU A 150 20.21 -6.51 0.10
N ASP A 151 20.81 -7.35 -0.72
CA ASP A 151 21.97 -8.08 -0.22
C ASP A 151 23.29 -7.50 -0.70
N ARG A 152 24.15 -7.07 0.17
CA ARG A 152 25.35 -6.55 -0.37
C ARG A 152 26.26 -7.67 -0.81
N LYS A 153 26.21 -8.83 -0.19
CA LYS A 153 27.16 -9.85 -0.62
C LYS A 153 26.93 -10.13 -2.06
N THR A 154 25.77 -10.60 -2.40
CA THR A 154 25.51 -10.87 -3.78
C THR A 154 25.17 -9.66 -4.67
N GLY A 155 25.14 -8.42 -4.18
CA GLY A 155 24.66 -7.32 -5.00
C GLY A 155 23.25 -7.63 -5.47
N ASN A 156 22.38 -8.03 -4.57
CA ASN A 156 21.07 -8.39 -4.93
C ASN A 156 20.19 -7.28 -4.50
N PRO A 157 19.20 -6.97 -5.29
CA PRO A 157 18.32 -5.84 -4.97
C PRO A 157 17.27 -6.23 -3.95
N PRO A 158 16.61 -5.25 -3.33
CA PRO A 158 15.47 -5.58 -2.47
C PRO A 158 14.24 -5.93 -3.29
N PHE A 159 13.29 -6.59 -2.64
CA PHE A 159 12.05 -6.99 -3.28
C PHE A 159 10.87 -6.55 -2.43
N ILE A 160 9.86 -5.96 -3.07
CA ILE A 160 8.70 -5.41 -2.37
C ILE A 160 7.42 -6.05 -2.90
N LYS A 161 6.40 -6.04 -2.04
CA LYS A 161 5.05 -6.41 -2.42
C LYS A 161 4.11 -5.28 -2.04
N LEU A 162 2.93 -5.29 -2.65
CA LEU A 162 1.91 -4.27 -2.43
C LEU A 162 0.73 -4.91 -1.71
N SER A 163 0.40 -4.38 -0.53
CA SER A 163 -0.68 -4.93 0.27
C SER A 163 -2.04 -4.53 -0.31
N ASP A 164 -3.10 -5.07 0.28
CA ASP A 164 -4.44 -4.73 -0.18
C ASP A 164 -4.80 -3.32 0.28
N PRO A 165 -5.73 -2.66 -0.44
CA PRO A 165 -6.02 -1.25 -0.13
C PRO A 165 -6.81 -1.03 1.16
N GLY A 166 -7.46 -2.07 1.68
CA GLY A 166 -8.29 -1.87 2.86
C GLY A 166 -9.66 -1.33 2.49
N ILE A 167 -10.32 -0.74 3.49
CA ILE A 167 -11.65 -0.18 3.29
C ILE A 167 -11.55 0.99 2.32
N SER A 168 -12.52 1.07 1.40
CA SER A 168 -12.43 1.98 0.26
C SER A 168 -12.82 3.39 0.64
N ILE A 169 -12.00 4.36 0.21
CA ILE A 169 -12.31 5.77 0.46
C ILE A 169 -13.69 6.15 -0.04
N THR A 170 -14.28 5.36 -0.93
CA THR A 170 -15.65 5.62 -1.37
C THR A 170 -16.65 5.49 -0.24
N VAL A 171 -16.30 4.78 0.84
CA VAL A 171 -17.21 4.62 1.98
C VAL A 171 -16.63 5.20 3.27
N LEU A 172 -15.34 5.51 3.33
CA LEU A 172 -14.79 6.06 4.56
C LEU A 172 -15.42 7.42 4.84
N PRO A 173 -15.69 7.76 6.10
CA PRO A 173 -16.19 9.10 6.41
C PRO A 173 -15.19 10.17 5.99
N LYS A 174 -15.69 11.41 5.94
CA LYS A 174 -14.89 12.54 5.48
C LYS A 174 -13.60 12.68 6.28
N ASP A 175 -13.70 12.67 7.60
CA ASP A 175 -12.55 12.97 8.45
C ASP A 175 -11.35 12.09 8.08
N ILE A 176 -11.59 10.90 7.56
CA ILE A 176 -10.49 10.00 7.23
C ILE A 176 -9.83 10.41 5.91
N LEU A 177 -10.62 10.64 4.88
CA LEU A 177 -10.06 11.06 3.59
C LEU A 177 -9.12 12.24 3.77
N GLN A 178 -9.57 13.28 4.46
CA GLN A 178 -8.75 14.48 4.61
C GLN A 178 -7.50 14.22 5.42
N GLU A 179 -7.58 13.33 6.42
CA GLU A 179 -6.37 12.88 7.10
C GLU A 179 -5.41 12.19 6.14
N ARG A 180 -5.91 11.63 5.03
CA ARG A 180 -5.07 10.93 4.07
C ARG A 180 -4.50 11.86 2.99
N ILE A 181 -4.88 13.13 2.98
CA ILE A 181 -4.17 14.10 2.14
C ILE A 181 -2.70 14.07 2.51
N PRO A 182 -1.77 14.12 1.53
CA PRO A 182 -1.94 14.20 0.09
C PRO A 182 -1.88 12.87 -0.67
N TRP A 183 -2.22 11.76 0.00
CA TRP A 183 -2.32 10.49 -0.71
C TRP A 183 -3.62 10.41 -1.49
N VAL A 184 -4.74 10.75 -0.86
CA VAL A 184 -6.00 10.92 -1.57
C VAL A 184 -5.84 12.09 -2.52
N PRO A 185 -6.10 11.93 -3.82
CA PRO A 185 -5.92 13.04 -4.75
C PRO A 185 -7.02 14.07 -4.58
N PRO A 186 -6.85 15.27 -5.14
CA PRO A 186 -7.86 16.33 -4.95
C PRO A 186 -9.25 15.91 -5.39
N GLU A 187 -9.40 15.43 -6.62
CA GLU A 187 -10.73 15.17 -7.16
C GLU A 187 -11.53 14.22 -6.28
N CYS A 188 -10.87 13.38 -5.48
CA CYS A 188 -11.59 12.47 -4.60
C CYS A 188 -12.03 13.14 -3.30
N ILE A 189 -11.36 14.21 -2.88
CA ILE A 189 -11.80 14.96 -1.71
C ILE A 189 -13.01 15.82 -2.05
N GLU A 190 -13.14 16.25 -3.30
CA GLU A 190 -14.36 16.94 -3.71
C GLU A 190 -15.50 15.97 -3.97
N ASN A 191 -15.19 14.73 -4.37
CA ASN A 191 -16.22 13.73 -4.58
C ASN A 191 -15.58 12.34 -4.55
N PRO A 192 -15.88 11.52 -3.54
CA PRO A 192 -15.25 10.19 -3.48
C PRO A 192 -15.56 9.30 -4.66
N LYS A 193 -16.62 9.58 -5.43
CA LYS A 193 -16.90 8.76 -6.59
C LYS A 193 -15.96 9.06 -7.75
N ASN A 194 -15.15 10.11 -7.66
CA ASN A 194 -14.12 10.30 -8.66
C ASN A 194 -13.00 9.27 -8.56
N LEU A 195 -13.10 8.31 -7.64
CA LEU A 195 -12.12 7.23 -7.58
C LEU A 195 -11.96 6.60 -8.95
N ASN A 196 -10.73 6.59 -9.44
CA ASN A 196 -10.45 6.25 -10.83
C ASN A 196 -9.02 5.76 -10.93
N LEU A 197 -8.71 5.08 -12.04
CA LEU A 197 -7.33 4.63 -12.26
C LEU A 197 -6.34 5.79 -12.12
N ALA A 198 -6.77 7.00 -12.45
CA ALA A 198 -5.89 8.15 -12.30
C ALA A 198 -5.55 8.46 -10.85
N THR A 199 -6.39 8.00 -9.91
CA THR A 199 -6.09 8.17 -8.49
C THR A 199 -4.74 7.57 -8.14
N ASP A 200 -4.49 6.34 -8.62
CA ASP A 200 -3.29 5.61 -8.24
C ASP A 200 -2.02 6.24 -8.77
N LYS A 201 -2.11 7.06 -9.82
CA LYS A 201 -0.92 7.75 -10.30
C LYS A 201 -0.53 8.89 -9.37
N TRP A 202 -1.53 9.59 -8.83
CA TRP A 202 -1.27 10.63 -7.84
C TRP A 202 -0.64 10.04 -6.59
N SER A 203 -1.31 9.02 -6.01
CA SER A 203 -0.79 8.38 -4.81
C SER A 203 0.61 7.82 -5.03
N PHE A 204 0.85 7.24 -6.21
CA PHE A 204 2.21 6.82 -6.55
C PHE A 204 3.18 7.98 -6.41
N GLY A 205 2.81 9.15 -6.94
CA GLY A 205 3.67 10.31 -6.80
C GLY A 205 3.95 10.64 -5.35
N THR A 206 2.91 10.60 -4.52
CA THR A 206 3.09 10.81 -3.07
C THR A 206 3.99 9.74 -2.47
N THR A 207 3.77 8.49 -2.84
CA THR A 207 4.62 7.40 -2.34
C THR A 207 6.07 7.62 -2.76
N LEU A 208 6.29 8.04 -4.01
CA LEU A 208 7.64 8.39 -4.44
C LEU A 208 8.24 9.46 -3.53
N TRP A 209 7.45 10.45 -3.12
CA TRP A 209 7.94 11.46 -2.21
C TRP A 209 8.38 10.82 -0.89
N GLU A 210 7.53 9.96 -0.33
CA GLU A 210 7.90 9.25 0.89
C GLU A 210 9.23 8.53 0.73
N ILE A 211 9.48 7.99 -0.46
CA ILE A 211 10.65 7.14 -0.65
C ILE A 211 11.92 7.99 -0.69
N CYS A 212 11.86 9.17 -1.30
CA CYS A 212 13.03 10.05 -1.32
C CYS A 212 13.21 10.77 0.01
N SER A 213 12.11 10.98 0.75
CA SER A 213 12.14 11.74 1.99
C SER A 213 12.47 10.88 3.20
N GLY A 214 12.94 9.66 2.99
CA GLY A 214 13.42 8.84 4.09
C GLY A 214 12.44 8.67 5.22
N GLY A 215 11.16 8.49 4.89
CA GLY A 215 10.16 8.14 5.88
C GLY A 215 9.35 9.29 6.43
N ASP A 216 9.69 10.53 6.09
CA ASP A 216 8.84 11.65 6.47
C ASP A 216 7.48 11.48 5.83
N LYS A 217 6.45 11.96 6.52
CA LYS A 217 5.10 11.97 5.96
C LYS A 217 4.82 13.34 5.39
N PRO A 218 4.49 13.47 4.10
CA PRO A 218 4.30 14.80 3.53
C PRO A 218 3.10 15.50 4.15
N LEU A 219 3.30 16.78 4.46
CA LEU A 219 2.25 17.62 5.04
C LEU A 219 1.83 17.15 6.43
N SER A 220 2.73 16.50 7.17
CA SER A 220 2.35 15.98 8.47
C SER A 220 2.21 17.08 9.52
N ALA A 221 2.86 18.23 9.31
CA ALA A 221 2.73 19.37 10.21
C ALA A 221 1.41 20.11 10.05
N LEU A 222 0.59 19.73 9.08
CA LEU A 222 -0.66 20.44 8.76
C LEU A 222 -1.84 19.61 9.19
N ASP A 223 -2.88 20.28 9.72
CA ASP A 223 -4.07 19.58 10.18
C ASP A 223 -5.10 19.48 9.06
N SER A 224 -6.19 18.78 9.35
CA SER A 224 -7.25 18.54 8.36
C SER A 224 -7.62 19.82 7.60
N GLN A 225 -7.90 20.89 8.33
CA GLN A 225 -8.39 22.11 7.70
C GLN A 225 -7.43 22.62 6.63
N ARG A 226 -6.13 22.59 6.91
CA ARG A 226 -5.14 23.08 5.96
C ARG A 226 -4.99 22.14 4.78
N LYS A 227 -4.89 20.83 5.06
CA LYS A 227 -4.77 19.85 3.98
C LYS A 227 -5.78 20.12 2.87
N LEU A 228 -6.98 20.54 3.25
CA LEU A 228 -7.95 20.99 2.25
C LEU A 228 -7.49 22.28 1.57
N GLN A 229 -7.07 23.27 2.37
CA GLN A 229 -6.64 24.53 1.80
C GLN A 229 -5.37 24.35 0.97
N PHE A 230 -4.55 23.36 1.31
CA PHE A 230 -3.38 23.05 0.48
C PHE A 230 -3.80 22.67 -0.93
N TYR A 231 -4.87 21.88 -1.06
CA TYR A 231 -5.39 21.52 -2.37
C TYR A 231 -6.14 22.67 -3.04
N GLU A 232 -6.79 23.53 -2.26
CA GLU A 232 -7.52 24.66 -2.83
C GLU A 232 -6.56 25.67 -3.47
N ASP A 233 -5.46 25.96 -2.80
CA ASP A 233 -4.40 26.79 -3.38
C ASP A 233 -3.56 26.02 -4.40
N ARG A 234 -3.88 24.74 -4.64
CA ARG A 234 -3.26 23.96 -5.70
C ARG A 234 -1.75 23.86 -5.52
N HIS A 235 -1.32 23.66 -4.28
CA HIS A 235 0.10 23.58 -3.98
C HIS A 235 0.66 22.19 -4.33
N GLN A 236 1.98 22.14 -4.49
CA GLN A 236 2.70 20.91 -4.75
C GLN A 236 3.61 20.60 -3.57
N LEU A 237 3.96 19.32 -3.41
CA LEU A 237 4.84 18.95 -2.31
C LEU A 237 6.23 19.53 -2.55
N PRO A 238 6.96 19.85 -1.47
CA PRO A 238 8.33 20.35 -1.65
C PRO A 238 9.22 19.31 -2.29
N ALA A 239 10.19 19.79 -3.05
CA ALA A 239 11.16 18.90 -3.68
C ALA A 239 11.97 18.19 -2.60
N PRO A 240 12.05 16.87 -2.62
CA PRO A 240 12.88 16.17 -1.63
C PRO A 240 14.36 16.44 -1.87
N LYS A 241 15.12 16.39 -0.77
CA LYS A 241 16.58 16.53 -0.86
C LYS A 241 17.13 15.61 -1.94
N ALA A 242 16.86 14.31 -1.81
CA ALA A 242 17.07 13.40 -2.93
C ALA A 242 16.16 13.82 -4.07
N ALA A 243 16.62 14.75 -4.90
CA ALA A 243 15.77 15.48 -5.82
C ALA A 243 15.72 14.88 -7.22
N GLU A 244 16.30 13.69 -7.42
CA GLU A 244 16.33 13.10 -8.76
C GLU A 244 14.95 12.69 -9.24
N LEU A 245 13.99 12.53 -8.33
CA LEU A 245 12.64 12.10 -8.70
C LEU A 245 11.60 13.20 -8.48
N ALA A 246 12.04 14.44 -8.28
CA ALA A 246 11.09 15.52 -8.01
C ALA A 246 10.22 15.80 -9.22
N ASN A 247 10.80 15.84 -10.40
CA ASN A 247 10.00 16.09 -11.60
C ASN A 247 8.94 15.01 -11.78
N LEU A 248 9.32 13.75 -11.63
CA LEU A 248 8.35 12.67 -11.77
C LEU A 248 7.26 12.78 -10.71
N ILE A 249 7.64 13.11 -9.47
CA ILE A 249 6.64 13.31 -8.41
C ILE A 249 5.61 14.32 -8.86
N ASN A 250 6.06 15.47 -9.34
CA ASN A 250 5.13 16.53 -9.73
C ASN A 250 4.31 16.14 -10.95
N ASN A 251 4.94 15.50 -11.94
CA ASN A 251 4.19 15.01 -13.09
C ASN A 251 3.10 14.03 -12.68
N CYS A 252 3.41 13.12 -11.75
CA CYS A 252 2.41 12.19 -11.27
C CYS A 252 1.32 12.90 -10.49
N MET A 253 1.69 13.84 -9.61
CA MET A 253 0.72 14.57 -8.81
C MET A 253 0.20 15.78 -9.59
N ASP A 254 -0.43 15.49 -10.73
CA ASP A 254 -1.02 16.51 -11.57
C ASP A 254 -2.45 16.75 -11.12
N TYR A 255 -2.79 18.01 -10.83
CA TYR A 255 -4.14 18.33 -10.39
C TYR A 255 -5.17 17.99 -11.45
N GLU A 256 -4.76 17.84 -12.71
CA GLU A 256 -5.65 17.38 -13.76
C GLU A 256 -5.49 15.85 -13.90
N PRO A 257 -6.47 15.06 -13.49
CA PRO A 257 -6.26 13.59 -13.55
C PRO A 257 -5.95 13.06 -14.94
N ASP A 258 -6.52 13.66 -16.00
CA ASP A 258 -6.31 13.12 -17.34
C ASP A 258 -4.90 13.31 -17.84
N HIS A 259 -4.11 14.18 -17.22
CA HIS A 259 -2.75 14.47 -17.69
C HIS A 259 -1.69 13.64 -16.99
N ARG A 260 -2.03 12.97 -15.89
CA ARG A 260 -1.04 12.15 -15.21
C ARG A 260 -0.56 11.06 -16.16
N PRO A 261 0.74 10.82 -16.25
CA PRO A 261 1.23 9.84 -17.23
C PRO A 261 0.86 8.42 -16.84
N SER A 262 0.68 7.59 -17.86
CA SER A 262 0.50 6.16 -17.64
C SER A 262 1.73 5.59 -16.95
N PHE A 263 1.55 4.42 -16.34
CA PHE A 263 2.68 3.79 -15.67
C PHE A 263 3.68 3.21 -16.65
N ARG A 264 3.27 2.95 -17.90
CA ARG A 264 4.23 2.66 -18.94
C ARG A 264 5.18 3.83 -19.13
N ALA A 265 4.63 5.04 -19.28
CA ALA A 265 5.47 6.23 -19.35
C ALA A 265 6.33 6.39 -18.10
N ILE A 266 5.73 6.19 -16.92
CA ILE A 266 6.47 6.36 -15.67
C ILE A 266 7.68 5.43 -15.63
N ILE A 267 7.47 4.16 -16.00
CA ILE A 267 8.58 3.21 -16.02
C ILE A 267 9.70 3.71 -16.92
N ARG A 268 9.35 4.25 -18.09
CA ARG A 268 10.35 4.74 -19.02
C ARG A 268 11.14 5.91 -18.43
N ASP A 269 10.45 6.81 -17.71
CA ASP A 269 11.16 7.83 -16.96
C ASP A 269 12.13 7.20 -15.96
N LEU A 270 11.63 6.29 -15.12
CA LEU A 270 12.48 5.68 -14.10
C LEU A 270 13.66 4.95 -14.72
N ASN A 271 13.45 4.27 -15.84
CA ASN A 271 14.55 3.54 -16.49
C ASN A 271 15.60 4.49 -17.05
N SER A 272 15.24 5.74 -17.37
CA SER A 272 16.15 6.70 -17.97
C SER A 272 16.92 7.50 -16.92
N LEU A 273 17.51 6.80 -15.96
CA LEU A 273 18.29 7.43 -14.88
C LEU A 273 19.50 6.54 -14.61
N PHE A 274 20.65 6.90 -15.17
CA PHE A 274 21.88 6.17 -14.95
C PHE A 274 21.72 4.69 -15.27
S SKE B . 7.07 -4.93 12.38
C1 SKE B . 1.88 -7.86 5.97
F1 SKE B . 0.98 -5.51 9.10
N1 SKE B . 1.01 -8.43 5.04
O1 SKE B . 7.63 -3.75 11.98
C2 SKE B . 3.53 -7.59 7.26
F2 SKE B . 0.40 -3.19 5.10
N2 SKE B . 2.95 -8.38 6.38
O2 SKE B . 6.17 -4.37 13.26
C3 SKE B . 5.24 -7.16 8.99
N3 SKE B . 4.73 -7.91 7.91
O3 SKE B . -0.15 -6.04 5.65
C4 SKE B . 4.48 -6.30 9.70
N4 SKE B . 8.37 -5.72 13.00
C5 SKE B . 5.03 -5.63 10.74
N5 SKE B . 2.79 -6.55 7.36
C6 SKE B . 6.34 -5.81 11.04
N6 SKE B . 1.76 -6.69 6.57
C7 SKE B . 7.09 -6.68 10.33
C8 SKE B . 6.53 -7.37 9.31
C9 SKE B . 0.69 -5.78 6.37
C10 SKE B . 0.67 -4.47 7.09
C11 SKE B . 0.82 -4.40 8.42
C12 SKE B . 0.85 -3.24 9.11
C13 SKE B . 0.72 -2.08 8.46
C14 SKE B . 0.57 -2.11 7.11
C15 SKE B . 0.55 -3.29 6.41
HN1 SKE B . 0.91 -8.07 4.26
HN1A SKE B . 0.57 -9.14 5.24
HN3 SKE B . 5.18 -8.59 7.63
H4 SKE B . 3.59 -6.17 9.49
HN4 SKE B . 9.10 -5.47 12.55
HN4A SKE B . 8.46 -5.50 13.85
H5 SKE B . 4.52 -5.03 11.22
H7 SKE B . 7.99 -6.81 10.55
H8 SKE B . 7.05 -7.96 8.81
H12 SKE B . 0.95 -3.25 10.03
H13 SKE B . 0.72 -1.27 8.91
H14 SKE B . 0.48 -1.31 6.64
#